data_3VL8
#
_entry.id   3VL8
#
_cell.length_a   92.999
_cell.length_b   92.999
_cell.length_c   61.955
_cell.angle_alpha   90.00
_cell.angle_beta   90.00
_cell.angle_gamma   120.00
#
_symmetry.space_group_name_H-M   'P 65'
#
loop_
_entity.id
_entity.type
_entity.pdbx_description
1 polymer 'Xyloglucan-specific endo-beta-1,4-glucanase A'
2 non-polymer 'SULFATE ION'
3 water water
#
_entity_poly.entity_id   1
_entity_poly.type   'polypeptide(L)'
_entity_poly.pdbx_seq_one_letter_code
;GPLGSASLQRRSDFCGQWDTATAGDFTLYNDLWGESAGTGSQCTGVDSYSGDTIAWHTSWSWSGGSSSVKSYVNAALTFT
PTQLNCISSIPTTWKWSYSGSSIVADVAYDTFLAETASGSSKYEIMVWLAALGGAGPISSTGSTIATPTIAGVNWKLYSG
PNGDTTVYSFVADSTTESFSGDLNDFFTYLVDNEGVSDELYLTTLEAGTEPFTGSNAKLTVSEYSISIE
;
_entity_poly.pdbx_strand_id   A
#
loop_
_chem_comp.id
_chem_comp.type
_chem_comp.name
_chem_comp.formula
SO4 non-polymer 'SULFATE ION' 'O4 S -2'
#
# COMPACT_ATOMS: atom_id res chain seq x y z
N GLN A 9 13.88 -16.81 -6.57
CA GLN A 9 12.97 -16.67 -7.75
C GLN A 9 12.39 -18.04 -8.13
N ARG A 10 11.08 -18.09 -8.35
CA ARG A 10 10.39 -19.30 -8.79
C ARG A 10 10.08 -19.21 -10.28
N ARG A 11 10.12 -20.33 -10.99
CA ARG A 11 9.73 -20.37 -12.41
C ARG A 11 8.25 -20.03 -12.60
N SER A 12 7.47 -20.18 -11.54
CA SER A 12 6.06 -19.78 -11.53
C SER A 12 5.84 -18.28 -11.31
N ASP A 13 6.87 -17.55 -10.90
CA ASP A 13 6.76 -16.11 -10.70
C ASP A 13 6.60 -15.37 -12.02
N PHE A 14 5.99 -14.19 -11.96
CA PHE A 14 5.96 -13.27 -13.10
C PHE A 14 6.84 -12.07 -12.79
N CYS A 15 7.66 -11.68 -13.76
CA CYS A 15 8.69 -10.64 -13.57
C CYS A 15 8.56 -9.45 -14.53
N GLY A 16 7.55 -9.47 -15.39
CA GLY A 16 7.33 -8.38 -16.36
C GLY A 16 6.85 -7.11 -15.70
N GLN A 17 7.11 -5.97 -16.34
CA GLN A 17 6.84 -4.66 -15.76
C GLN A 17 5.38 -4.46 -15.37
N TRP A 18 4.47 -4.92 -16.21
CA TRP A 18 3.04 -4.70 -16.00
C TRP A 18 2.27 -6.00 -15.88
N ASP A 19 2.97 -7.09 -15.56
CA ASP A 19 2.34 -8.41 -15.42
C ASP A 19 1.32 -8.42 -14.28
N THR A 20 0.29 -9.25 -14.41
CA THR A 20 -0.70 -9.42 -13.34
C THR A 20 -1.05 -10.88 -13.11
N ALA A 21 -1.64 -11.14 -11.95
CA ALA A 21 -2.32 -12.40 -11.68
C ALA A 21 -3.62 -12.10 -10.97
N THR A 22 -4.55 -13.06 -11.00
CA THR A 22 -5.87 -12.91 -10.41
C THR A 22 -6.11 -14.02 -9.38
N ALA A 23 -6.72 -13.64 -8.25
CA ALA A 23 -7.12 -14.61 -7.22
C ALA A 23 -8.37 -14.07 -6.51
N GLY A 24 -9.49 -14.76 -6.68
CA GLY A 24 -10.77 -14.29 -6.14
C GLY A 24 -11.12 -12.91 -6.68
N ASP A 25 -11.34 -11.96 -5.77
CA ASP A 25 -11.62 -10.57 -6.16
C ASP A 25 -10.36 -9.70 -6.09
N PHE A 26 -9.18 -10.32 -6.07
CA PHE A 26 -7.92 -9.60 -6.09
C PHE A 26 -7.25 -9.68 -7.45
N THR A 27 -6.59 -8.57 -7.81
CA THR A 27 -5.61 -8.56 -8.87
C THR A 27 -4.27 -8.27 -8.20
N LEU A 28 -3.27 -9.10 -8.49
CA LEU A 28 -1.91 -8.89 -8.02
C LEU A 28 -1.13 -8.27 -9.16
N TYR A 29 -0.79 -6.99 -9.02
CA TYR A 29 -0.07 -6.24 -10.05
C TYR A 29 1.41 -6.21 -9.75
N ASN A 30 2.24 -6.38 -10.78
CA ASN A 30 3.67 -6.22 -10.62
C ASN A 30 4.01 -4.73 -10.55
N ASP A 31 3.50 -3.96 -11.52
CA ASP A 31 3.56 -2.50 -11.47
C ASP A 31 4.99 -2.03 -11.17
N LEU A 32 5.96 -2.50 -11.95
CA LEU A 32 7.35 -2.09 -11.78
C LEU A 32 7.55 -0.75 -12.50
N TRP A 33 6.79 0.25 -12.06
CA TRP A 33 6.72 1.51 -12.81
C TRP A 33 8.00 2.31 -12.78
N GLY A 34 8.76 2.17 -11.70
CA GLY A 34 10.03 2.90 -11.54
C GLY A 34 11.26 2.11 -11.93
N GLU A 35 11.05 1.00 -12.64
CA GLU A 35 12.08 0.16 -13.25
C GLU A 35 13.32 0.93 -13.72
N SER A 36 13.08 1.93 -14.56
CA SER A 36 14.15 2.67 -15.22
C SER A 36 15.02 3.52 -14.30
N ALA A 37 14.57 3.75 -13.07
CA ALA A 37 15.33 4.55 -12.10
C ALA A 37 16.47 3.77 -11.43
N GLY A 38 16.60 2.48 -11.70
CA GLY A 38 17.65 1.67 -11.09
C GLY A 38 18.06 0.43 -11.86
N THR A 39 18.85 -0.41 -11.20
CA THR A 39 19.36 -1.65 -11.78
C THR A 39 18.85 -2.81 -10.93
N GLY A 40 18.28 -3.81 -11.59
CA GLY A 40 17.81 -5.01 -10.89
C GLY A 40 16.60 -5.64 -11.55
N SER A 41 15.80 -6.32 -10.74
CA SER A 41 14.61 -7.02 -11.23
C SER A 41 13.68 -7.38 -10.09
N GLN A 42 12.47 -7.81 -10.42
CA GLN A 42 11.47 -8.14 -9.43
C GLN A 42 10.47 -9.14 -9.97
N CYS A 43 10.26 -10.22 -9.20
CA CYS A 43 9.40 -11.32 -9.60
C CYS A 43 8.38 -11.61 -8.50
N THR A 44 7.17 -11.99 -8.90
CA THR A 44 6.04 -12.05 -8.00
C THR A 44 5.18 -13.28 -8.25
N GLY A 45 4.54 -13.79 -7.21
CA GLY A 45 3.72 -14.99 -7.35
C GLY A 45 2.67 -15.14 -6.27
N VAL A 46 1.52 -15.70 -6.64
CA VAL A 46 0.48 -16.06 -5.68
C VAL A 46 0.81 -17.45 -5.13
N ASP A 47 0.62 -17.62 -3.83
CA ASP A 47 0.91 -18.91 -3.18
C ASP A 47 -0.35 -19.70 -2.88
N SER A 48 -1.39 -19.01 -2.42
CA SER A 48 -2.67 -19.65 -2.15
C SER A 48 -3.81 -18.65 -2.11
N TYR A 49 -5.01 -19.15 -2.35
CA TYR A 49 -6.23 -18.39 -2.11
C TYR A 49 -7.24 -19.32 -1.44
N SER A 50 -7.59 -19.00 -0.19
CA SER A 50 -8.47 -19.85 0.61
C SER A 50 -9.52 -18.96 1.27
N GLY A 51 -10.79 -19.29 1.06
CA GLY A 51 -11.89 -18.46 1.53
C GLY A 51 -11.87 -17.11 0.82
N ASP A 52 -11.54 -16.05 1.56
CA ASP A 52 -11.32 -14.72 0.99
C ASP A 52 -9.89 -14.23 1.25
N THR A 53 -9.00 -15.14 1.64
CA THR A 53 -7.63 -14.79 2.01
C THR A 53 -6.61 -15.18 0.93
N ILE A 54 -5.78 -14.21 0.54
CA ILE A 54 -4.69 -14.46 -0.40
C ILE A 54 -3.34 -14.51 0.33
N ALA A 55 -2.46 -15.39 -0.15
CA ALA A 55 -1.07 -15.42 0.28
C ALA A 55 -0.21 -15.27 -0.96
N TRP A 56 0.83 -14.44 -0.89
CA TRP A 56 1.67 -14.16 -2.04
C TRP A 56 3.03 -13.65 -1.65
N HIS A 57 3.91 -13.51 -2.64
CA HIS A 57 5.26 -13.06 -2.38
C HIS A 57 5.81 -12.28 -3.54
N THR A 58 6.83 -11.46 -3.26
CA THR A 58 7.59 -10.79 -4.32
C THR A 58 9.05 -10.67 -3.89
N SER A 59 9.95 -11.06 -4.78
CA SER A 59 11.37 -11.01 -4.53
C SER A 59 12.00 -9.99 -5.45
N TRP A 60 13.04 -9.31 -4.97
CA TRP A 60 13.70 -8.26 -5.76
C TRP A 60 15.07 -7.90 -5.27
N SER A 61 15.86 -7.36 -6.19
CA SER A 61 17.09 -6.63 -5.86
C SER A 61 17.06 -5.34 -6.68
N TRP A 62 17.28 -4.21 -6.02
CA TRP A 62 17.28 -2.90 -6.69
C TRP A 62 18.45 -2.06 -6.20
N SER A 63 19.18 -1.47 -7.13
CA SER A 63 20.25 -0.53 -6.78
C SER A 63 20.17 0.70 -7.68
N GLY A 64 20.69 1.82 -7.15
CA GLY A 64 20.62 3.11 -7.85
C GLY A 64 19.29 3.80 -7.60
N GLY A 65 19.24 5.10 -7.89
CA GLY A 65 18.03 5.89 -7.68
C GLY A 65 17.53 5.76 -6.25
N SER A 66 18.39 6.12 -5.30
CA SER A 66 18.16 5.85 -3.88
C SER A 66 16.84 6.39 -3.33
N SER A 67 16.43 7.56 -3.83
CA SER A 67 15.19 8.21 -3.39
C SER A 67 14.00 7.90 -4.31
N SER A 68 14.18 7.00 -5.27
CA SER A 68 13.18 6.71 -6.29
C SER A 68 12.56 5.33 -6.09
N VAL A 69 11.23 5.29 -5.91
CA VAL A 69 10.49 4.02 -5.84
C VAL A 69 10.62 3.28 -7.16
N LYS A 70 10.92 1.99 -7.10
CA LYS A 70 11.15 1.17 -8.29
C LYS A 70 9.86 0.48 -8.76
N SER A 71 8.95 0.24 -7.82
CA SER A 71 7.72 -0.52 -8.11
C SER A 71 6.70 -0.39 -6.99
N TYR A 72 5.48 -0.82 -7.26
CA TYR A 72 4.50 -1.07 -6.22
C TYR A 72 3.75 -2.37 -6.51
N VAL A 73 4.39 -3.49 -6.22
CA VAL A 73 3.76 -4.80 -6.34
C VAL A 73 2.69 -4.84 -5.25
N ASN A 74 1.45 -5.09 -5.65
CA ASN A 74 0.32 -4.99 -4.72
C ASN A 74 -0.85 -5.88 -5.10
N ALA A 75 -1.59 -6.30 -4.08
CA ALA A 75 -2.88 -6.96 -4.26
C ALA A 75 -3.97 -5.91 -4.18
N ALA A 76 -4.76 -5.79 -5.24
CA ALA A 76 -5.81 -4.78 -5.35
C ALA A 76 -7.20 -5.41 -5.34
N LEU A 77 -8.10 -4.88 -4.53
CA LEU A 77 -9.46 -5.40 -4.43
C LEU A 77 -10.32 -4.89 -5.57
N THR A 78 -11.06 -5.80 -6.22
CA THR A 78 -12.10 -5.41 -7.16
C THR A 78 -13.38 -5.15 -6.37
N PHE A 79 -13.90 -3.93 -6.50
CA PHE A 79 -15.13 -3.54 -5.82
C PHE A 79 -15.76 -2.36 -6.54
N THR A 80 -17.02 -2.08 -6.22
CA THR A 80 -17.72 -0.93 -6.79
C THR A 80 -17.33 0.31 -6.02
N PRO A 81 -16.78 1.33 -6.71
CA PRO A 81 -16.46 2.58 -6.02
C PRO A 81 -17.63 3.09 -5.19
N THR A 82 -17.36 3.45 -3.94
CA THR A 82 -18.41 3.77 -2.98
C THR A 82 -18.07 5.06 -2.25
N GLN A 83 -19.06 5.92 -2.06
CA GLN A 83 -18.87 7.16 -1.32
C GLN A 83 -18.55 6.83 0.14
N LEU A 84 -17.66 7.60 0.74
CA LEU A 84 -17.25 7.36 2.13
C LEU A 84 -18.48 7.35 3.05
N ASN A 85 -19.45 8.22 2.76
CA ASN A 85 -20.77 8.24 3.41
C ASN A 85 -21.44 6.90 3.55
N CYS A 86 -21.29 6.06 2.54
CA CYS A 86 -22.05 4.83 2.43
C CYS A 86 -21.29 3.59 2.94
N ILE A 87 -20.07 3.79 3.42
CA ILE A 87 -19.25 2.68 3.91
C ILE A 87 -19.48 2.47 5.41
N SER A 88 -19.81 1.25 5.80
CA SER A 88 -19.98 0.92 7.22
C SER A 88 -18.67 0.41 7.81
N SER A 89 -17.93 -0.41 7.06
CA SER A 89 -16.61 -0.84 7.49
C SER A 89 -15.79 -1.41 6.33
N ILE A 90 -14.48 -1.44 6.54
CA ILE A 90 -13.54 -2.04 5.60
C ILE A 90 -12.62 -2.97 6.41
N PRO A 91 -13.15 -4.13 6.84
CA PRO A 91 -12.34 -5.04 7.65
C PRO A 91 -11.17 -5.60 6.86
N THR A 92 -9.98 -5.62 7.49
CA THR A 92 -8.78 -6.09 6.81
C THR A 92 -7.81 -6.78 7.77
N THR A 93 -7.09 -7.77 7.25
CA THR A 93 -6.05 -8.47 7.99
C THR A 93 -4.85 -8.60 7.06
N TRP A 94 -3.65 -8.39 7.61
CA TRP A 94 -2.42 -8.42 6.82
C TRP A 94 -1.27 -8.91 7.64
N LYS A 95 -0.75 -10.08 7.28
CA LYS A 95 0.42 -10.63 7.93
C LYS A 95 1.51 -10.83 6.90
N TRP A 96 2.71 -10.34 7.21
CA TRP A 96 3.81 -10.31 6.26
C TRP A 96 5.14 -10.31 6.98
N SER A 97 6.20 -10.63 6.25
CA SER A 97 7.57 -10.43 6.75
C SER A 97 8.53 -10.15 5.59
N TYR A 98 9.61 -9.44 5.89
CA TYR A 98 10.66 -9.13 4.90
C TYR A 98 11.97 -9.83 5.23
N SER A 99 12.59 -10.40 4.21
CA SER A 99 13.97 -10.89 4.30
C SER A 99 14.80 -10.14 3.26
N GLY A 100 16.12 -10.18 3.42
CA GLY A 100 17.04 -9.49 2.52
C GLY A 100 18.01 -8.59 3.27
N SER A 101 18.90 -7.93 2.53
CA SER A 101 19.90 -7.04 3.14
C SER A 101 19.85 -5.62 2.59
N SER A 102 20.14 -4.66 3.46
CA SER A 102 20.11 -3.23 3.14
C SER A 102 18.78 -2.80 2.54
N ILE A 103 17.68 -3.31 3.10
CA ILE A 103 16.35 -3.06 2.55
C ILE A 103 15.90 -1.64 2.89
N VAL A 104 15.69 -0.84 1.83
CA VAL A 104 15.05 0.46 1.95
C VAL A 104 13.73 0.33 1.19
N ALA A 105 12.62 0.32 1.91
CA ALA A 105 11.32 0.02 1.32
C ALA A 105 10.20 0.31 2.31
N ASP A 106 8.97 0.37 1.81
CA ASP A 106 7.81 0.37 2.67
C ASP A 106 6.90 -0.83 2.40
N VAL A 107 6.06 -1.13 3.38
CA VAL A 107 4.94 -2.04 3.22
C VAL A 107 3.73 -1.18 3.53
N ALA A 108 2.80 -1.07 2.59
CA ALA A 108 1.74 -0.07 2.73
C ALA A 108 0.47 -0.37 1.97
N TYR A 109 -0.66 -0.02 2.58
CA TYR A 109 -1.92 0.14 1.86
C TYR A 109 -1.80 1.41 1.03
N ASP A 110 -2.39 1.38 -0.15
CA ASP A 110 -2.46 2.55 -1.01
C ASP A 110 -3.91 2.66 -1.49
N THR A 111 -4.54 3.79 -1.20
CA THR A 111 -5.94 4.03 -1.50
C THR A 111 -6.13 5.40 -2.13
N PHE A 112 -7.23 5.57 -2.86
CA PHE A 112 -7.49 6.82 -3.56
C PHE A 112 -8.96 7.23 -3.46
N LEU A 113 -9.19 8.54 -3.40
CA LEU A 113 -10.51 9.13 -3.37
C LEU A 113 -10.70 10.07 -4.54
N ALA A 114 -11.88 10.04 -5.14
CA ALA A 114 -12.19 10.87 -6.31
C ALA A 114 -13.61 11.44 -6.18
N GLU A 115 -13.91 12.47 -6.98
CA GLU A 115 -15.23 13.10 -6.94
C GLU A 115 -16.31 12.24 -7.61
N THR A 116 -15.89 11.36 -8.52
CA THR A 116 -16.82 10.44 -9.18
C THR A 116 -16.25 9.02 -9.15
N ALA A 117 -17.12 8.04 -9.42
CA ALA A 117 -16.76 6.62 -9.31
C ALA A 117 -15.48 6.24 -10.06
N SER A 118 -15.35 6.71 -11.30
CA SER A 118 -14.18 6.42 -12.11
C SER A 118 -13.33 7.66 -12.36
N GLY A 119 -13.42 8.64 -11.45
CA GLY A 119 -12.78 9.94 -11.62
C GLY A 119 -11.31 9.98 -11.24
N SER A 120 -10.69 11.11 -11.55
CA SER A 120 -9.31 11.39 -11.20
C SER A 120 -9.20 11.61 -9.69
N SER A 121 -8.10 11.15 -9.10
CA SER A 121 -7.94 11.16 -7.64
C SER A 121 -7.70 12.57 -7.08
N LYS A 122 -8.50 12.93 -6.09
CA LYS A 122 -8.28 14.16 -5.31
C LYS A 122 -7.36 13.89 -4.12
N TYR A 123 -7.41 12.68 -3.58
CA TYR A 123 -6.55 12.28 -2.47
C TYR A 123 -5.95 10.89 -2.69
N GLU A 124 -4.71 10.74 -2.24
CA GLU A 124 -4.10 9.43 -2.05
C GLU A 124 -3.91 9.26 -0.55
N ILE A 125 -4.32 8.12 -0.02
CA ILE A 125 -4.22 7.85 1.41
C ILE A 125 -3.48 6.52 1.61
N MET A 126 -2.30 6.61 2.24
CA MET A 126 -1.45 5.44 2.47
C MET A 126 -1.45 5.07 3.94
N VAL A 127 -1.33 3.78 4.22
CA VAL A 127 -1.12 3.29 5.58
C VAL A 127 0.09 2.36 5.54
N TRP A 128 1.20 2.84 6.11
CA TRP A 128 2.47 2.12 6.08
C TRP A 128 2.65 1.25 7.30
N LEU A 129 2.60 -0.06 7.11
CA LEU A 129 2.91 -1.00 8.20
C LEU A 129 4.41 -1.09 8.47
N ALA A 130 5.23 -0.67 7.51
CA ALA A 130 6.66 -0.63 7.68
C ALA A 130 7.30 0.50 6.88
N ALA A 131 8.26 1.16 7.50
CA ALA A 131 9.16 2.10 6.83
C ALA A 131 10.57 1.61 7.11
N LEU A 132 11.14 0.87 6.16
CA LEU A 132 12.41 0.18 6.37
C LEU A 132 13.57 0.95 5.76
N GLY A 133 14.70 0.95 6.46
CA GLY A 133 15.95 1.52 5.96
C GLY A 133 15.96 3.02 5.74
N GLY A 134 15.05 3.74 6.41
CA GLY A 134 14.95 5.19 6.26
C GLY A 134 13.96 5.67 5.22
N ALA A 135 13.20 4.75 4.62
CA ALA A 135 12.16 5.12 3.66
C ALA A 135 11.16 6.04 4.35
N GLY A 136 10.77 7.12 3.67
CA GLY A 136 9.86 8.11 4.23
C GLY A 136 8.81 8.57 3.22
N PRO A 137 7.66 9.06 3.71
CA PRO A 137 6.55 9.43 2.85
C PRO A 137 6.67 10.87 2.32
N ILE A 138 5.75 11.23 1.42
CA ILE A 138 5.65 12.59 0.92
C ILE A 138 5.25 13.49 2.09
N SER A 139 5.98 14.59 2.28
CA SER A 139 5.70 15.52 3.37
C SER A 139 6.05 16.94 2.98
N SER A 140 5.08 17.85 3.10
CA SER A 140 5.27 19.27 2.83
C SER A 140 6.30 19.90 3.76
N THR A 141 6.20 19.57 5.05
CA THR A 141 7.01 20.20 6.09
C THR A 141 8.20 19.38 6.56
N GLY A 142 8.16 18.07 6.32
CA GLY A 142 9.16 17.16 6.87
C GLY A 142 8.84 16.70 8.28
N SER A 143 7.68 17.12 8.80
CA SER A 143 7.23 16.76 10.14
C SER A 143 5.78 16.29 10.10
N THR A 144 5.35 15.63 11.16
CA THR A 144 3.98 15.11 11.23
C THR A 144 2.97 16.23 11.32
N ILE A 145 1.75 15.96 10.84
CA ILE A 145 0.61 16.85 11.03
C ILE A 145 -0.29 16.35 12.17
N ALA A 146 -0.12 15.08 12.53
CA ALA A 146 -0.84 14.47 13.63
C ALA A 146 -0.17 13.15 14.01
N THR A 147 -0.44 12.68 15.23
CA THR A 147 0.11 11.41 15.70
C THR A 147 -1.00 10.56 16.34
N PRO A 148 -1.98 10.11 15.52
CA PRO A 148 -3.14 9.39 16.07
C PRO A 148 -2.90 7.91 16.31
N THR A 149 -3.69 7.35 17.22
CA THR A 149 -3.75 5.90 17.45
C THR A 149 -5.01 5.38 16.76
N ILE A 150 -4.83 4.46 15.81
CA ILE A 150 -5.92 3.92 15.01
C ILE A 150 -5.64 2.43 14.73
N ALA A 151 -6.67 1.60 14.86
CA ALA A 151 -6.56 0.17 14.56
C ALA A 151 -5.42 -0.52 15.33
N GLY A 152 -5.26 -0.16 16.60
CA GLY A 152 -4.28 -0.80 17.48
C GLY A 152 -2.82 -0.45 17.21
N VAL A 153 -2.60 0.64 16.47
CA VAL A 153 -1.25 1.07 16.10
C VAL A 153 -1.13 2.58 16.32
N ASN A 154 0.05 3.02 16.77
CA ASN A 154 0.35 4.44 16.91
C ASN A 154 0.97 4.94 15.60
N TRP A 155 0.35 5.95 15.01
CA TRP A 155 0.73 6.44 13.68
C TRP A 155 1.38 7.79 13.71
N LYS A 156 2.26 8.02 12.73
CA LYS A 156 2.76 9.35 12.41
C LYS A 156 2.14 9.73 11.07
N LEU A 157 1.27 10.73 11.09
CA LEU A 157 0.57 11.19 9.89
C LEU A 157 1.32 12.33 9.20
N TYR A 158 1.53 12.19 7.90
CA TYR A 158 2.16 13.21 7.07
C TYR A 158 1.24 13.56 5.91
N SER A 159 1.43 14.76 5.35
CA SER A 159 0.73 15.15 4.12
C SER A 159 1.66 15.91 3.19
N GLY A 160 1.42 15.77 1.89
CA GLY A 160 2.19 16.46 0.88
C GLY A 160 1.52 16.34 -0.47
N PRO A 161 1.89 17.23 -1.41
CA PRO A 161 1.24 17.24 -2.71
C PRO A 161 1.87 16.29 -3.71
N ASN A 162 1.04 15.75 -4.60
CA ASN A 162 1.53 15.16 -5.83
C ASN A 162 0.68 15.75 -6.94
N GLY A 163 1.08 16.93 -7.41
CA GLY A 163 0.29 17.69 -8.36
C GLY A 163 -1.07 18.06 -7.79
N ASP A 164 -2.13 17.62 -8.47
CA ASP A 164 -3.50 17.94 -8.09
C ASP A 164 -4.08 16.96 -7.05
N THR A 165 -3.24 16.05 -6.57
CA THR A 165 -3.64 15.07 -5.57
C THR A 165 -2.90 15.35 -4.27
N THR A 166 -3.63 15.35 -3.15
CA THR A 166 -3.02 15.45 -1.83
C THR A 166 -2.75 14.04 -1.31
N VAL A 167 -1.53 13.80 -0.86
CA VAL A 167 -1.13 12.49 -0.33
C VAL A 167 -1.05 12.52 1.20
N TYR A 168 -1.90 11.73 1.86
CA TYR A 168 -1.81 11.52 3.30
C TYR A 168 -1.16 10.16 3.52
N SER A 169 -0.15 10.10 4.39
CA SER A 169 0.52 8.86 4.72
C SER A 169 0.55 8.65 6.24
N PHE A 170 -0.16 7.63 6.70
CA PHE A 170 -0.06 7.17 8.09
C PHE A 170 1.10 6.19 8.17
N VAL A 171 2.12 6.51 8.96
CA VAL A 171 3.30 5.65 9.12
C VAL A 171 3.36 5.11 10.55
N ALA A 172 3.37 3.79 10.67
CA ALA A 172 3.39 3.14 11.98
C ALA A 172 4.66 3.52 12.72
N ASP A 173 4.55 3.75 14.02
CA ASP A 173 5.72 4.08 14.86
C ASP A 173 6.71 2.92 14.92
N SER A 174 6.19 1.70 14.88
CA SER A 174 7.00 0.49 14.88
C SER A 174 6.57 -0.41 13.74
N THR A 175 7.52 -1.15 13.16
CA THR A 175 7.20 -2.13 12.13
C THR A 175 6.12 -3.08 12.63
N THR A 176 5.05 -3.21 11.85
CA THR A 176 3.89 -3.98 12.24
C THR A 176 3.68 -5.14 11.26
N GLU A 177 4.17 -6.32 11.63
CA GLU A 177 4.11 -7.51 10.76
C GLU A 177 2.76 -8.22 10.81
N SER A 178 1.96 -7.93 11.84
CA SER A 178 0.62 -8.50 11.95
C SER A 178 -0.35 -7.37 12.25
N PHE A 179 -1.15 -7.01 11.25
CA PHE A 179 -2.06 -5.89 11.36
C PHE A 179 -3.48 -6.34 11.09
N SER A 180 -4.42 -5.73 11.82
CA SER A 180 -5.83 -5.98 11.57
C SER A 180 -6.62 -4.78 12.06
N GLY A 181 -7.76 -4.52 11.41
CA GLY A 181 -8.61 -3.42 11.78
C GLY A 181 -9.61 -3.04 10.72
N ASP A 182 -10.27 -1.90 10.95
CA ASP A 182 -11.22 -1.35 10.01
C ASP A 182 -10.53 -0.20 9.30
N LEU A 183 -10.15 -0.42 8.05
CA LEU A 183 -9.41 0.60 7.28
C LEU A 183 -10.21 1.90 7.14
N ASN A 184 -11.54 1.80 7.22
CA ASN A 184 -12.40 2.99 7.17
C ASN A 184 -12.14 3.98 8.30
N ASP A 185 -11.60 3.50 9.42
CA ASP A 185 -11.21 4.37 10.53
C ASP A 185 -10.21 5.44 10.10
N PHE A 186 -9.35 5.13 9.13
CA PHE A 186 -8.41 6.12 8.61
C PHE A 186 -9.12 7.21 7.80
N PHE A 187 -10.09 6.80 6.98
CA PHE A 187 -10.87 7.76 6.20
C PHE A 187 -11.75 8.62 7.12
N THR A 188 -12.34 7.98 8.14
CA THR A 188 -13.15 8.70 9.11
C THR A 188 -12.29 9.74 9.84
N TYR A 189 -11.05 9.37 10.17
CA TYR A 189 -10.14 10.30 10.84
C TYR A 189 -9.91 11.56 10.01
N LEU A 190 -9.61 11.37 8.71
CA LEU A 190 -9.33 12.48 7.80
C LEU A 190 -10.57 13.33 7.50
N VAL A 191 -11.73 12.69 7.48
CA VAL A 191 -13.00 13.41 7.32
C VAL A 191 -13.25 14.31 8.53
N ASP A 192 -12.98 13.79 9.72
CA ASP A 192 -13.21 14.53 10.97
C ASP A 192 -12.13 15.56 11.30
N ASN A 193 -10.89 15.31 10.85
CA ASN A 193 -9.74 16.11 11.29
C ASN A 193 -8.93 16.83 10.22
N GLU A 194 -9.10 16.46 8.95
CA GLU A 194 -8.31 17.07 7.87
C GLU A 194 -9.17 17.55 6.70
N GLY A 195 -10.46 17.77 6.95
CA GLY A 195 -11.35 18.40 5.97
C GLY A 195 -11.59 17.62 4.69
N VAL A 196 -11.42 16.29 4.74
CA VAL A 196 -11.70 15.45 3.58
C VAL A 196 -13.20 15.25 3.46
N SER A 197 -13.74 15.47 2.26
CA SER A 197 -15.19 15.34 2.02
C SER A 197 -15.63 13.87 2.07
N ASP A 198 -16.67 13.58 2.86
CA ASP A 198 -17.19 12.21 2.95
C ASP A 198 -18.14 11.87 1.78
N GLU A 199 -18.30 12.79 0.84
CA GLU A 199 -19.04 12.54 -0.39
C GLU A 199 -18.14 11.98 -1.51
N LEU A 200 -16.83 11.98 -1.27
CA LEU A 200 -15.88 11.45 -2.24
C LEU A 200 -15.98 9.94 -2.37
N TYR A 201 -15.67 9.43 -3.55
CA TYR A 201 -15.72 8.00 -3.83
C TYR A 201 -14.38 7.34 -3.52
N LEU A 202 -14.41 6.27 -2.74
CA LEU A 202 -13.27 5.39 -2.58
C LEU A 202 -13.21 4.54 -3.85
N THR A 203 -12.13 4.67 -4.61
CA THR A 203 -11.99 4.00 -5.91
C THR A 203 -11.00 2.84 -5.90
N THR A 204 -10.09 2.83 -4.92
CA THR A 204 -8.93 1.94 -4.96
C THR A 204 -8.54 1.47 -3.57
N LEU A 205 -8.34 0.15 -3.43
CA LEU A 205 -7.88 -0.45 -2.18
C LEU A 205 -6.77 -1.45 -2.49
N GLU A 206 -5.53 -1.02 -2.28
CA GLU A 206 -4.35 -1.82 -2.61
C GLU A 206 -3.47 -2.05 -1.38
N ALA A 207 -2.77 -3.17 -1.36
CA ALA A 207 -1.86 -3.51 -0.28
C ALA A 207 -0.63 -4.20 -0.86
N GLY A 208 0.53 -3.57 -0.69
CA GLY A 208 1.77 -4.09 -1.25
C GLY A 208 3.02 -3.43 -0.70
N THR A 209 4.08 -3.37 -1.51
CA THR A 209 5.36 -2.83 -1.07
C THR A 209 5.98 -1.89 -2.11
N GLU A 210 6.60 -0.81 -1.64
CA GLU A 210 7.38 0.09 -2.50
C GLU A 210 8.86 -0.05 -2.16
N PRO A 211 9.63 -0.75 -3.01
CA PRO A 211 11.07 -0.82 -2.80
C PRO A 211 11.81 0.38 -3.37
N PHE A 212 12.85 0.83 -2.66
CA PHE A 212 13.78 1.83 -3.17
C PHE A 212 15.07 1.11 -3.60
N THR A 213 15.79 0.58 -2.62
CA THR A 213 17.02 -0.18 -2.87
C THR A 213 17.12 -1.35 -1.91
N GLY A 214 17.95 -2.33 -2.26
CA GLY A 214 18.16 -3.52 -1.44
C GLY A 214 18.65 -4.69 -2.25
N SER A 215 19.11 -5.72 -1.55
CA SER A 215 19.70 -6.89 -2.19
C SER A 215 19.07 -8.18 -1.67
N ASN A 216 18.77 -9.10 -2.60
CA ASN A 216 18.29 -10.43 -2.26
C ASN A 216 17.04 -10.35 -1.35
N ALA A 217 16.14 -9.43 -1.66
CA ALA A 217 14.99 -9.15 -0.80
C ALA A 217 13.78 -10.00 -1.17
N LYS A 218 12.92 -10.24 -0.20
CA LYS A 218 11.67 -10.95 -0.43
C LYS A 218 10.63 -10.54 0.62
N LEU A 219 9.48 -10.07 0.12
CA LEU A 219 8.31 -9.87 0.96
C LEU A 219 7.47 -11.13 0.87
N THR A 220 7.22 -11.74 2.03
CA THR A 220 6.32 -12.87 2.13
C THR A 220 5.03 -12.39 2.77
N VAL A 221 3.92 -12.43 2.03
CA VAL A 221 2.62 -12.09 2.58
C VAL A 221 1.91 -13.41 2.89
N SER A 222 1.90 -13.79 4.17
CA SER A 222 1.32 -15.07 4.59
C SER A 222 -0.19 -15.02 4.65
N GLU A 223 -0.74 -13.86 4.98
CA GLU A 223 -2.19 -13.67 5.03
C GLU A 223 -2.57 -12.25 4.65
N TYR A 224 -3.50 -12.12 3.71
CA TYR A 224 -4.11 -10.82 3.41
C TYR A 224 -5.58 -10.97 3.03
N SER A 225 -6.42 -10.14 3.65
CA SER A 225 -7.82 -10.08 3.30
C SER A 225 -8.33 -8.66 3.51
N ILE A 226 -9.32 -8.27 2.70
CA ILE A 226 -9.98 -6.99 2.86
C ILE A 226 -11.33 -7.06 2.17
N SER A 227 -12.32 -6.36 2.73
CA SER A 227 -13.63 -6.28 2.11
C SER A 227 -14.30 -4.97 2.49
N ILE A 228 -15.32 -4.59 1.72
CA ILE A 228 -16.06 -3.37 2.00
C ILE A 228 -17.51 -3.71 2.30
N GLU A 229 -18.02 -3.18 3.41
CA GLU A 229 -19.42 -3.34 3.79
C GLU A 229 -20.07 -1.97 3.86
S SO4 B . 11.78 -17.35 -3.99
O1 SO4 B . 12.21 -18.43 -4.91
O2 SO4 B . 12.62 -16.15 -4.23
O3 SO4 B . 10.37 -17.02 -4.24
O4 SO4 B . 11.94 -17.82 -2.59
S SO4 C . 14.70 -14.24 7.45
O1 SO4 C . 14.61 -15.08 6.25
O2 SO4 C . 15.87 -13.34 7.34
O3 SO4 C . 13.47 -13.44 7.58
O4 SO4 C . 14.87 -15.11 8.65
S SO4 D . 8.57 13.82 12.87
O1 SO4 D . 8.57 13.28 11.49
O2 SO4 D . 9.92 14.34 13.19
O3 SO4 D . 7.58 14.92 13.01
O4 SO4 D . 8.24 12.71 13.79
#